data_3ZKU
#
_entry.id   3ZKU
#
_cell.length_a   46.480
_cell.length_b   71.105
_cell.length_c   101.045
_cell.angle_alpha   90.00
_cell.angle_beta   90.00
_cell.angle_gamma   90.00
#
_symmetry.space_group_name_H-M   'P 21 21 21'
#
loop_
_entity.id
_entity.type
_entity.pdbx_description
1 polymer 'ISOPENICILLIN N SYNTHASE'
2 non-polymer 'FE (III) ION'
3 non-polymer N-[(5S)-5-amino-5-carboxypentanoyl]-L-homocysteyl-D-valine
4 water water
#
_entity_poly.entity_id   1
_entity_poly.type   'polypeptide(L)'
_entity_poly.pdbx_seq_one_letter_code
;MGSVSKANVPKIDVSPLFGDDQAAKMRVAQQIDAASRDTGFFYAVNHGINVQRLSQKTKEFHMSITPEEKWDLAIRAYNK
EHQDQVRAGYYLSIPGKKAVESFCYLNPNFTPDHPRIQAKTPTHEVNVWPDETKHPGFQDFAEQYYWDVFGLSSALLKGY
ALALGKEENFFARHFKPDDTLASVVLIRYPYLDPYPEAAIKTAADGTKLSFEWHEDVSLITVLYQSNVQNLQVETAAGYQ
DIEADDTGYLINCGSYMAHLTNNYYKAPIHRVKWVNAERQSLPFFVNLGYDSVIDPFDPREPNGKSDREPLSYGDYLQNG
LVSLINKNGQT
;
_entity_poly.pdbx_strand_id   A
#
loop_
_chem_comp.id
_chem_comp.type
_chem_comp.name
_chem_comp.formula
FE non-polymer 'FE (III) ION' 'Fe 3'
HCV non-polymer N-[(5S)-5-amino-5-carboxypentanoyl]-L-homocysteyl-D-valine 'C15 H27 N3 O6 S'
#
# COMPACT_ATOMS: atom_id res chain seq x y z
N SER A 3 8.28 27.51 -6.79
CA SER A 3 7.40 26.39 -6.37
C SER A 3 7.99 25.05 -6.84
N VAL A 4 7.13 24.05 -7.00
CA VAL A 4 7.54 22.65 -6.90
C VAL A 4 7.58 21.94 -8.28
N SER A 5 8.71 21.35 -8.66
CA SER A 5 8.79 20.60 -9.93
C SER A 5 7.96 19.31 -9.93
N LYS A 6 7.56 18.90 -11.13
CA LYS A 6 6.84 17.64 -11.33
C LYS A 6 7.85 16.47 -11.28
N ALA A 7 7.54 15.44 -10.49
CA ALA A 7 8.38 14.24 -10.42
C ALA A 7 8.20 13.40 -11.72
N ASN A 8 9.28 12.76 -12.12
CA ASN A 8 9.28 11.80 -13.21
C ASN A 8 8.65 10.52 -12.74
N VAL A 9 7.44 10.30 -13.20
CA VAL A 9 6.64 9.13 -12.85
C VAL A 9 6.12 8.53 -14.15
N PRO A 10 6.88 7.62 -14.71
CA PRO A 10 6.47 7.09 -16.02
C PRO A 10 5.27 6.21 -15.98
N LYS A 11 4.53 6.11 -17.04
CA LYS A 11 3.47 5.18 -17.22
C LYS A 11 3.97 3.95 -17.88
N ILE A 12 3.89 2.78 -17.26
CA ILE A 12 4.42 1.52 -17.77
C ILE A 12 3.23 0.64 -18.07
N ASP A 13 3.11 0.15 -19.31
CA ASP A 13 2.13 -0.84 -19.67
C ASP A 13 2.61 -2.20 -19.15
N VAL A 14 1.92 -2.67 -18.12
CA VAL A 14 2.32 -3.90 -17.43
C VAL A 14 1.62 -5.14 -17.98
N SER A 15 0.80 -5.00 -19.00
CA SER A 15 0.03 -6.11 -19.51
C SER A 15 0.91 -7.32 -19.95
N PRO A 16 2.13 -7.13 -20.47
CA PRO A 16 2.92 -8.34 -20.78
C PRO A 16 3.22 -9.23 -19.57
N LEU A 17 3.21 -8.68 -18.37
CA LEU A 17 3.50 -9.48 -17.20
C LEU A 17 2.42 -10.48 -16.88
N PHE A 18 1.27 -10.38 -17.51
CA PHE A 18 0.23 -11.37 -17.37
C PHE A 18 0.32 -12.50 -18.36
N GLY A 19 1.18 -12.36 -19.36
CA GLY A 19 1.29 -13.33 -20.50
C GLY A 19 2.57 -14.14 -20.50
N ASP A 20 2.86 -14.69 -21.68
CA ASP A 20 3.94 -15.64 -21.92
C ASP A 20 4.97 -15.16 -22.94
N ASP A 21 5.01 -13.88 -23.27
CA ASP A 21 5.99 -13.34 -24.16
C ASP A 21 7.17 -12.85 -23.29
N GLN A 22 8.23 -13.66 -23.24
CA GLN A 22 9.31 -13.42 -22.27
C GLN A 22 10.12 -12.18 -22.59
N ALA A 23 10.44 -11.91 -23.86
CA ALA A 23 11.18 -10.73 -24.21
C ALA A 23 10.40 -9.42 -23.86
N ALA A 24 9.09 -9.46 -24.14
CA ALA A 24 8.20 -8.36 -23.81
C ALA A 24 8.18 -8.14 -22.31
N LYS A 25 8.17 -9.21 -21.52
CA LYS A 25 8.29 -9.05 -20.06
C LYS A 25 9.62 -8.46 -19.68
N MET A 26 10.72 -8.84 -20.34
CA MET A 26 11.98 -8.15 -20.07
C MET A 26 12.00 -6.66 -20.35
N ARG A 27 11.32 -6.27 -21.41
CA ARG A 27 11.25 -4.85 -21.72
C ARG A 27 10.40 -4.08 -20.69
N VAL A 28 9.37 -4.73 -20.11
CA VAL A 28 8.66 -4.11 -18.97
C VAL A 28 9.58 -4.06 -17.76
N ALA A 29 10.29 -5.15 -17.47
CA ALA A 29 11.23 -5.17 -16.34
C ALA A 29 12.26 -4.03 -16.45
N GLN A 30 12.78 -3.78 -17.66
CA GLN A 30 13.72 -2.64 -17.75
C GLN A 30 13.12 -1.32 -17.34
N GLN A 31 11.85 -1.13 -17.72
CA GLN A 31 11.16 0.13 -17.35
C GLN A 31 10.98 0.21 -15.88
N ILE A 32 10.65 -0.90 -15.23
CA ILE A 32 10.55 -0.93 -13.73
C ILE A 32 11.89 -0.65 -13.09
N ASP A 33 12.94 -1.26 -13.64
CA ASP A 33 14.29 -0.96 -13.15
C ASP A 33 14.61 0.54 -13.21
N ALA A 34 14.35 1.14 -14.36
CA ALA A 34 14.64 2.54 -14.55
C ALA A 34 13.87 3.40 -13.58
N ALA A 35 12.59 3.17 -13.46
CA ALA A 35 11.77 3.95 -12.51
C ALA A 35 12.20 3.75 -11.08
N SER A 36 12.57 2.51 -10.71
CA SER A 36 12.98 2.23 -9.36
C SER A 36 14.32 2.85 -9.02
N ARG A 37 15.18 3.04 -10.00
CA ARG A 37 16.51 3.69 -9.81
C ARG A 37 16.36 5.18 -9.82
N ASP A 38 15.28 5.73 -10.33
CA ASP A 38 15.11 7.22 -10.48
C ASP A 38 14.25 7.69 -9.29
N THR A 39 12.99 8.09 -9.49
CA THR A 39 12.23 8.66 -8.36
C THR A 39 11.67 7.58 -7.47
N GLY A 40 11.54 6.35 -7.99
CA GLY A 40 11.00 5.29 -7.21
C GLY A 40 9.52 5.09 -7.36
N PHE A 41 8.90 5.83 -8.23
CA PHE A 41 7.48 5.71 -8.51
C PHE A 41 7.25 5.48 -9.97
N PHE A 42 6.20 4.71 -10.28
CA PHE A 42 5.68 4.61 -11.66
C PHE A 42 4.21 4.36 -11.58
N TYR A 43 3.52 4.66 -12.68
CA TYR A 43 2.10 4.23 -12.86
C TYR A 43 2.02 2.99 -13.70
N ALA A 44 1.40 1.95 -13.16
CA ALA A 44 1.06 0.76 -13.89
C ALA A 44 -0.24 1.01 -14.65
N VAL A 45 -0.21 0.87 -15.94
CA VAL A 45 -1.35 1.03 -16.83
C VAL A 45 -1.58 -0.29 -17.58
N ASN A 46 -2.79 -0.44 -18.11
CA ASN A 46 -3.23 -1.68 -18.72
C ASN A 46 -3.13 -2.83 -17.74
N HIS A 47 -3.58 -2.55 -16.53
CA HIS A 47 -3.52 -3.47 -15.39
C HIS A 47 -4.69 -4.39 -15.25
N GLY A 48 -5.77 -4.14 -15.96
CA GLY A 48 -6.91 -5.06 -15.97
C GLY A 48 -7.91 -4.87 -14.87
N ILE A 49 -7.70 -4.01 -13.89
CA ILE A 49 -8.65 -3.86 -12.80
C ILE A 49 -9.65 -2.75 -13.10
N ASN A 50 -10.90 -2.99 -12.73
CA ASN A 50 -12.00 -2.00 -12.86
C ASN A 50 -11.95 -1.04 -11.69
N VAL A 51 -11.13 0.01 -11.83
CA VAL A 51 -10.91 0.96 -10.76
C VAL A 51 -12.07 1.94 -10.58
N GLN A 52 -12.83 2.19 -11.62
CA GLN A 52 -13.99 3.01 -11.46
C GLN A 52 -15.05 2.36 -10.58
N ARG A 53 -15.26 1.03 -10.78
CA ARG A 53 -16.20 0.34 -9.91
C ARG A 53 -15.67 0.22 -8.49
N LEU A 54 -14.34 -0.02 -8.33
CA LEU A 54 -13.72 0.03 -7.04
C LEU A 54 -14.10 1.34 -6.36
N SER A 55 -13.87 2.47 -7.01
CA SER A 55 -14.11 3.77 -6.39
C SER A 55 -15.55 3.98 -6.08
N GLN A 56 -16.44 3.51 -6.92
CA GLN A 56 -17.90 3.62 -6.61
C GLN A 56 -18.33 2.80 -5.43
N LYS A 57 -17.87 1.55 -5.34
CA LYS A 57 -18.22 0.69 -4.21
C LYS A 57 -17.64 1.24 -2.89
N THR A 58 -16.43 1.74 -2.97
CA THR A 58 -15.83 2.33 -1.78
C THR A 58 -16.53 3.64 -1.35
N LYS A 59 -16.95 4.46 -2.32
CA LYS A 59 -17.70 5.63 -1.97
C LYS A 59 -19.04 5.30 -1.34
N GLU A 60 -19.72 4.27 -1.85
CA GLU A 60 -21.01 3.89 -1.28
C GLU A 60 -20.82 3.43 0.21
N PHE A 61 -19.70 2.75 0.49
CA PHE A 61 -19.35 2.39 1.90
C PHE A 61 -19.10 3.63 2.75
N HIS A 62 -18.17 4.48 2.31
CA HIS A 62 -17.76 5.61 3.16
C HIS A 62 -18.90 6.56 3.41
N MET A 63 -19.80 6.70 2.47
CA MET A 63 -20.81 7.76 2.68
C MET A 63 -22.00 7.16 3.39
N SER A 64 -22.10 5.84 3.57
CA SER A 64 -23.21 5.30 4.33
C SER A 64 -22.92 4.78 5.68
N ILE A 65 -21.66 4.47 5.96
CA ILE A 65 -21.37 4.04 7.31
C ILE A 65 -21.68 5.07 8.37
N THR A 66 -22.21 4.65 9.48
CA THR A 66 -22.68 5.54 10.52
C THR A 66 -21.73 5.57 11.71
N PRO A 67 -21.83 6.57 12.58
CA PRO A 67 -21.01 6.62 13.78
C PRO A 67 -21.13 5.37 14.65
N GLU A 68 -22.36 4.85 14.74
CA GLU A 68 -22.58 3.64 15.48
C GLU A 68 -21.74 2.48 14.95
N GLU A 69 -21.77 2.28 13.65
CA GLU A 69 -21.03 1.21 13.01
C GLU A 69 -19.53 1.38 13.14
N LYS A 70 -19.04 2.61 13.10
CA LYS A 70 -17.62 2.89 13.27
C LYS A 70 -17.12 2.42 14.60
N TRP A 71 -17.85 2.71 15.68
CA TRP A 71 -17.42 2.17 17.00
C TRP A 71 -17.43 0.69 17.02
N ASP A 72 -18.44 0.10 16.39
CA ASP A 72 -18.61 -1.34 16.41
C ASP A 72 -17.55 -2.10 15.63
N LEU A 73 -16.91 -1.40 14.67
CA LEU A 73 -15.83 -1.94 13.84
C LEU A 73 -14.45 -1.45 14.25
N ALA A 74 -14.35 -0.63 15.25
CA ALA A 74 -13.15 0.10 15.53
C ALA A 74 -11.96 -0.75 15.97
N ILE A 75 -10.76 -0.40 15.57
CA ILE A 75 -9.54 -0.99 16.10
C ILE A 75 -9.38 -0.57 17.57
N ARG A 76 -8.48 -1.28 18.21
CA ARG A 76 -8.27 -1.12 19.67
C ARG A 76 -7.79 0.25 20.09
N ALA A 77 -7.12 0.97 19.19
CA ALA A 77 -6.73 2.33 19.50
C ALA A 77 -7.92 3.25 19.82
N TYR A 78 -9.08 2.92 19.27
CA TYR A 78 -10.29 3.67 19.48
C TYR A 78 -11.31 3.02 20.33
N ASN A 79 -11.22 1.73 20.52
CA ASN A 79 -12.26 0.96 21.25
C ASN A 79 -11.54 -0.14 22.07
N LYS A 80 -11.39 0.12 23.36
CA LYS A 80 -10.71 -0.83 24.27
C LYS A 80 -11.35 -2.21 24.34
N GLU A 81 -12.60 -2.38 23.93
CA GLU A 81 -13.24 -3.68 23.92
C GLU A 81 -12.69 -4.61 22.82
N HIS A 82 -11.98 -4.07 21.85
CA HIS A 82 -11.57 -4.81 20.69
C HIS A 82 -10.07 -5.08 20.67
N GLN A 83 -9.61 -5.76 21.71
CA GLN A 83 -8.19 -5.98 21.87
C GLN A 83 -7.54 -6.86 20.79
N ASP A 84 -8.29 -7.67 20.07
CA ASP A 84 -7.72 -8.46 18.94
C ASP A 84 -7.56 -7.68 17.62
N GLN A 85 -8.10 -6.47 17.60
CA GLN A 85 -8.07 -5.62 16.41
C GLN A 85 -6.99 -4.62 16.51
N VAL A 86 -5.84 -4.95 15.97
CA VAL A 86 -4.70 -4.10 15.94
C VAL A 86 -4.60 -3.44 14.57
N ARG A 87 -4.73 -4.22 13.51
CA ARG A 87 -4.60 -3.83 12.11
C ARG A 87 -5.98 -3.67 11.44
N ALA A 88 -6.84 -4.65 11.53
CA ALA A 88 -8.06 -4.75 10.75
C ALA A 88 -9.23 -4.07 11.47
N GLY A 89 -9.94 -3.22 10.75
CA GLY A 89 -11.12 -2.53 11.25
C GLY A 89 -11.12 -1.05 10.90
N TYR A 90 -11.94 -0.34 11.66
CA TYR A 90 -12.20 1.07 11.36
C TYR A 90 -11.27 1.94 12.22
N TYR A 91 -10.73 2.97 11.55
CA TYR A 91 -9.82 3.96 12.14
C TYR A 91 -10.60 5.27 12.08
N LEU A 92 -11.11 5.74 13.21
CA LEU A 92 -12.04 6.87 13.24
C LEU A 92 -11.31 8.18 13.07
N SER A 93 -12.06 9.14 12.52
CA SER A 93 -11.66 10.53 12.54
C SER A 93 -11.93 11.05 13.93
N ILE A 94 -11.32 12.17 14.20
CA ILE A 94 -11.66 12.89 15.42
C ILE A 94 -12.04 14.33 14.99
N PRO A 95 -13.33 14.64 14.81
CA PRO A 95 -13.66 15.95 14.27
C PRO A 95 -13.01 17.06 15.06
N GLY A 96 -12.55 18.07 14.36
CA GLY A 96 -11.74 19.14 14.97
C GLY A 96 -10.27 18.87 15.09
N LYS A 97 -9.85 17.60 14.95
CA LYS A 97 -8.46 17.19 15.27
C LYS A 97 -7.75 16.29 14.25
N LYS A 98 -8.48 15.30 13.74
CA LYS A 98 -7.87 14.26 12.89
C LYS A 98 -8.89 14.06 11.83
N ALA A 99 -8.61 14.48 10.60
CA ALA A 99 -9.62 14.50 9.58
C ALA A 99 -9.81 13.18 8.85
N VAL A 100 -8.77 12.46 8.59
CA VAL A 100 -8.83 11.22 7.83
C VAL A 100 -9.47 10.11 8.65
N GLU A 101 -10.14 9.22 7.96
CA GLU A 101 -10.68 8.00 8.55
C GLU A 101 -10.51 6.90 7.51
N SER A 102 -10.50 5.66 7.99
CA SER A 102 -10.16 4.55 7.09
C SER A 102 -10.68 3.27 7.63
N PHE A 103 -10.73 2.28 6.71
CA PHE A 103 -11.12 0.90 7.02
C PHE A 103 -10.07 -0.02 6.43
N CYS A 104 -9.49 -0.87 7.25
CA CYS A 104 -8.41 -1.80 6.82
C CYS A 104 -8.94 -3.21 6.91
N TYR A 105 -8.61 -3.99 5.90
CA TYR A 105 -8.82 -5.46 5.95
C TYR A 105 -7.60 -6.17 5.41
N LEU A 106 -7.49 -7.42 5.86
CA LEU A 106 -6.38 -8.33 5.60
C LEU A 106 -6.88 -9.47 4.72
N ASN A 107 -6.01 -10.45 4.55
CA ASN A 107 -6.30 -11.68 3.78
C ASN A 107 -7.62 -12.28 4.20
N PRO A 108 -8.53 -12.45 3.24
CA PRO A 108 -9.81 -13.12 3.58
C PRO A 108 -9.65 -14.57 4.03
N ASN A 109 -8.54 -15.20 3.73
CA ASN A 109 -8.24 -16.57 4.18
C ASN A 109 -7.87 -16.61 5.66
N PHE A 110 -7.67 -15.51 6.32
CA PHE A 110 -7.45 -15.51 7.79
C PHE A 110 -8.78 -15.64 8.47
N THR A 111 -9.19 -16.87 8.58
CA THR A 111 -10.48 -17.26 9.17
C THR A 111 -10.17 -17.81 10.55
N PRO A 112 -11.23 -18.06 11.34
CA PRO A 112 -10.98 -18.54 12.67
C PRO A 112 -10.19 -19.84 12.74
N ASP A 113 -10.32 -20.70 11.76
CA ASP A 113 -9.63 -21.97 11.70
C ASP A 113 -8.21 -21.92 11.09
N HIS A 114 -7.78 -20.75 10.63
CA HIS A 114 -6.44 -20.65 10.00
C HIS A 114 -5.40 -20.90 11.07
N PRO A 115 -4.34 -21.69 10.73
CA PRO A 115 -3.36 -22.02 11.78
C PRO A 115 -2.68 -20.84 12.45
N ARG A 116 -2.47 -19.75 11.70
CA ARG A 116 -1.86 -18.58 12.33
C ARG A 116 -2.81 -17.81 13.19
N ILE A 117 -4.12 -17.84 12.93
CA ILE A 117 -5.11 -17.25 13.77
C ILE A 117 -5.28 -18.10 15.03
N GLN A 118 -5.31 -19.43 14.90
CA GLN A 118 -5.34 -20.33 16.07
C GLN A 118 -4.18 -20.01 16.93
N ALA A 119 -3.00 -19.86 16.38
CA ALA A 119 -1.80 -19.61 17.20
C ALA A 119 -1.72 -18.19 17.78
N LYS A 120 -2.60 -17.30 17.33
CA LYS A 120 -2.57 -15.90 17.74
C LYS A 120 -1.24 -15.27 17.34
N THR A 121 -0.74 -15.58 16.17
CA THR A 121 0.51 -15.06 15.68
C THR A 121 0.38 -13.55 15.37
N PRO A 122 1.32 -12.73 15.84
CA PRO A 122 1.23 -11.31 15.55
C PRO A 122 1.10 -11.02 14.07
N THR A 123 0.39 -9.96 13.81
CA THR A 123 0.06 -9.39 12.48
C THR A 123 -1.05 -10.09 11.71
N HIS A 124 -1.52 -11.22 12.23
CA HIS A 124 -2.64 -11.99 11.66
C HIS A 124 -3.89 -11.71 12.47
N GLU A 125 -4.96 -11.34 11.78
CA GLU A 125 -6.25 -11.10 12.41
C GLU A 125 -7.33 -11.52 11.45
N VAL A 126 -8.52 -11.81 12.00
CA VAL A 126 -9.74 -12.08 11.25
C VAL A 126 -10.44 -10.76 10.98
N ASN A 127 -10.74 -10.49 9.72
CA ASN A 127 -11.42 -9.26 9.32
C ASN A 127 -12.73 -9.09 9.99
N VAL A 128 -13.07 -7.84 10.24
CA VAL A 128 -14.40 -7.42 10.70
C VAL A 128 -15.12 -6.70 9.61
N TRP A 129 -16.43 -6.87 9.50
CA TRP A 129 -17.22 -6.31 8.40
C TRP A 129 -18.49 -5.73 8.97
N PRO A 130 -19.04 -4.70 8.33
CA PRO A 130 -20.33 -4.15 8.74
C PRO A 130 -21.43 -5.12 8.45
N ASP A 131 -22.63 -4.90 8.95
CA ASP A 131 -23.78 -5.72 8.67
C ASP A 131 -24.08 -5.78 7.19
N GLU A 132 -24.33 -6.97 6.71
CA GLU A 132 -24.70 -7.17 5.29
C GLU A 132 -25.96 -6.43 4.87
N THR A 133 -26.97 -6.36 5.72
CA THR A 133 -28.19 -5.71 5.33
C THR A 133 -28.01 -4.18 5.25
N LYS A 134 -27.06 -3.60 5.99
CA LYS A 134 -26.80 -2.18 5.91
C LYS A 134 -25.86 -1.81 4.76
N HIS A 135 -25.01 -2.79 4.38
CA HIS A 135 -23.99 -2.57 3.34
C HIS A 135 -24.04 -3.71 2.34
N PRO A 136 -25.15 -3.86 1.63
CA PRO A 136 -25.30 -5.06 0.78
C PRO A 136 -24.20 -5.15 -0.27
N GLY A 137 -23.60 -6.31 -0.36
CA GLY A 137 -22.58 -6.58 -1.39
C GLY A 137 -21.21 -6.09 -1.01
N PHE A 138 -21.05 -5.31 0.04
CA PHE A 138 -19.75 -4.70 0.31
C PHE A 138 -18.67 -5.72 0.68
N GLN A 139 -18.92 -6.63 1.59
CA GLN A 139 -17.91 -7.62 1.98
C GLN A 139 -17.54 -8.42 0.75
N ASP A 140 -18.48 -8.85 -0.04
CA ASP A 140 -18.13 -9.69 -1.22
C ASP A 140 -17.31 -8.89 -2.21
N PHE A 141 -17.69 -7.66 -2.44
CA PHE A 141 -16.94 -6.82 -3.31
C PHE A 141 -15.50 -6.62 -2.81
N ALA A 142 -15.35 -6.31 -1.55
CA ALA A 142 -14.06 -6.01 -0.96
C ALA A 142 -13.13 -7.21 -0.96
N GLU A 143 -13.68 -8.40 -0.67
CA GLU A 143 -12.85 -9.63 -0.70
C GLU A 143 -12.43 -9.94 -2.12
N GLN A 144 -13.35 -9.76 -3.11
CA GLN A 144 -12.95 -9.99 -4.47
C GLN A 144 -11.87 -8.97 -4.94
N TYR A 145 -12.01 -7.73 -4.47
CA TYR A 145 -11.01 -6.73 -4.76
C TYR A 145 -9.64 -7.16 -4.29
N TYR A 146 -9.59 -7.70 -3.07
CA TYR A 146 -8.34 -8.19 -2.53
C TYR A 146 -7.68 -9.13 -3.53
N TRP A 147 -8.46 -10.09 -4.05
CA TRP A 147 -7.90 -11.03 -4.99
C TRP A 147 -7.52 -10.44 -6.35
N ASP A 148 -8.28 -9.42 -6.79
CA ASP A 148 -7.98 -8.73 -8.03
C ASP A 148 -6.65 -7.99 -7.91
N VAL A 149 -6.44 -7.25 -6.83
CA VAL A 149 -5.20 -6.53 -6.66
C VAL A 149 -4.08 -7.46 -6.24
N PHE A 150 -4.34 -8.57 -5.57
CA PHE A 150 -3.32 -9.63 -5.40
C PHE A 150 -2.82 -10.09 -6.74
N GLY A 151 -3.72 -10.35 -7.70
CA GLY A 151 -3.27 -10.83 -9.01
C GLY A 151 -2.40 -9.82 -9.72
N LEU A 152 -2.79 -8.52 -9.67
CA LEU A 152 -1.96 -7.46 -10.28
C LEU A 152 -0.60 -7.42 -9.61
N SER A 153 -0.61 -7.49 -8.28
CA SER A 153 0.61 -7.44 -7.50
C SER A 153 1.54 -8.61 -7.80
N SER A 154 1.00 -9.77 -8.01
CA SER A 154 1.82 -10.95 -8.39
CA SER A 154 1.81 -10.95 -8.34
C SER A 154 2.48 -10.70 -9.68
N ALA A 155 1.77 -10.13 -10.65
CA ALA A 155 2.33 -9.80 -11.95
C ALA A 155 3.43 -8.76 -11.78
N LEU A 156 3.21 -7.70 -11.01
CA LEU A 156 4.23 -6.69 -10.80
C LEU A 156 5.47 -7.27 -10.14
N LEU A 157 5.31 -8.20 -9.18
CA LEU A 157 6.43 -8.85 -8.59
C LEU A 157 7.25 -9.70 -9.56
N LYS A 158 6.62 -10.27 -10.56
CA LYS A 158 7.38 -10.91 -11.63
C LYS A 158 8.23 -9.91 -12.33
N GLY A 159 7.69 -8.72 -12.63
CA GLY A 159 8.47 -7.68 -13.26
C GLY A 159 9.65 -7.21 -12.41
N TYR A 160 9.44 -7.00 -11.12
CA TYR A 160 10.54 -6.63 -10.22
C TYR A 160 11.65 -7.72 -10.18
N ALA A 161 11.24 -8.97 -10.11
CA ALA A 161 12.20 -10.05 -10.08
C ALA A 161 13.05 -10.02 -11.34
N LEU A 162 12.41 -9.96 -12.51
CA LEU A 162 13.16 -9.92 -13.78
C LEU A 162 14.06 -8.71 -13.79
N ALA A 163 13.62 -7.55 -13.28
CA ALA A 163 14.37 -6.29 -13.26
C ALA A 163 15.66 -6.45 -12.49
N LEU A 164 15.67 -7.30 -11.47
CA LEU A 164 16.79 -7.48 -10.55
C LEU A 164 17.68 -8.61 -11.01
N GLY A 165 17.42 -9.19 -12.15
CA GLY A 165 18.28 -10.27 -12.65
C GLY A 165 17.93 -11.64 -12.15
N LYS A 166 16.72 -11.81 -11.60
CA LYS A 166 16.25 -13.07 -10.96
C LYS A 166 15.24 -13.74 -11.88
N GLU A 167 14.88 -14.98 -11.57
CA GLU A 167 13.79 -15.69 -12.24
C GLU A 167 12.49 -15.04 -11.79
N GLU A 168 11.45 -15.13 -12.63
CA GLU A 168 10.27 -14.31 -12.41
C GLU A 168 9.51 -14.67 -11.16
N ASN A 169 9.68 -15.90 -10.63
CA ASN A 169 8.99 -16.24 -9.33
C ASN A 169 9.78 -15.88 -8.08
N PHE A 170 10.85 -15.12 -8.18
CA PHE A 170 11.70 -14.86 -7.05
C PHE A 170 11.02 -14.26 -5.83
N PHE A 171 10.19 -13.25 -6.05
CA PHE A 171 9.33 -12.68 -4.98
C PHE A 171 8.02 -13.42 -4.94
N ALA A 172 7.40 -13.66 -6.08
CA ALA A 172 6.01 -14.20 -6.11
C ALA A 172 5.86 -15.54 -5.45
N ARG A 173 6.90 -16.35 -5.37
CA ARG A 173 6.82 -17.64 -4.64
C ARG A 173 6.58 -17.49 -3.15
N HIS A 174 6.84 -16.33 -2.60
CA HIS A 174 6.59 -16.01 -1.17
C HIS A 174 5.32 -15.23 -0.92
N PHE A 175 4.58 -14.95 -2.00
CA PHE A 175 3.36 -14.14 -2.01
C PHE A 175 2.21 -15.04 -2.37
N LYS A 176 1.56 -15.64 -1.36
CA LYS A 176 0.66 -16.75 -1.59
C LYS A 176 -0.69 -16.49 -0.95
N PRO A 177 -1.78 -16.91 -1.59
CA PRO A 177 -3.09 -16.64 -1.02
C PRO A 177 -3.29 -17.18 0.37
N ASP A 178 -2.73 -18.30 0.74
CA ASP A 178 -3.00 -18.86 2.04
C ASP A 178 -2.38 -18.12 3.15
N ASP A 179 -1.34 -17.32 2.90
CA ASP A 179 -0.59 -16.75 4.04
C ASP A 179 -0.15 -15.30 3.91
N THR A 180 -0.41 -14.60 2.78
CA THR A 180 0.06 -13.23 2.64
C THR A 180 -0.45 -12.36 3.73
N LEU A 181 0.43 -11.51 4.23
CA LEU A 181 0.13 -10.47 5.21
C LEU A 181 -0.31 -9.11 4.61
N ALA A 182 -0.55 -9.15 3.29
CA ALA A 182 -0.97 -7.94 2.60
C ALA A 182 -2.25 -7.35 3.12
N SER A 183 -2.37 -6.03 3.07
CA SER A 183 -3.55 -5.31 3.56
C SER A 183 -4.10 -4.35 2.49
N VAL A 184 -5.43 -4.18 2.52
CA VAL A 184 -6.09 -3.12 1.81
C VAL A 184 -6.55 -2.10 2.83
N VAL A 185 -6.37 -0.83 2.49
CA VAL A 185 -6.90 0.26 3.27
C VAL A 185 -7.76 1.14 2.44
N LEU A 186 -9.01 1.34 2.88
CA LEU A 186 -9.96 2.26 2.23
C LEU A 186 -9.96 3.56 2.98
N ILE A 187 -9.23 4.53 2.49
CA ILE A 187 -9.03 5.83 3.17
C ILE A 187 -9.92 6.92 2.62
N ARG A 188 -10.60 7.60 3.50
CA ARG A 188 -11.41 8.76 3.16
C ARG A 188 -10.69 9.98 3.66
N TYR A 189 -10.38 10.91 2.75
CA TYR A 189 -9.94 12.28 3.08
C TYR A 189 -11.13 13.18 2.84
N PRO A 190 -11.61 13.91 3.82
CA PRO A 190 -12.81 14.68 3.69
C PRO A 190 -12.60 16.08 3.18
N TYR A 191 -13.68 16.65 2.62
CA TYR A 191 -13.81 18.07 2.48
C TYR A 191 -14.40 18.64 3.76
N LEU A 192 -13.82 19.67 4.34
CA LEU A 192 -14.32 20.28 5.56
C LEU A 192 -14.28 21.76 5.43
N ASP A 193 -15.38 22.40 5.81
CA ASP A 193 -15.45 23.88 5.83
C ASP A 193 -16.06 24.36 7.17
N PRO A 194 -15.24 24.89 8.08
CA PRO A 194 -13.81 25.18 7.98
C PRO A 194 -12.99 23.93 8.24
N TYR A 195 -11.79 23.91 7.70
CA TYR A 195 -10.92 22.76 7.93
C TYR A 195 -10.11 23.02 9.18
N PRO A 196 -10.20 22.18 10.20
CA PRO A 196 -9.49 22.55 11.44
C PRO A 196 -7.96 22.47 11.29
N GLU A 197 -7.33 23.53 11.75
CA GLU A 197 -5.86 23.66 11.68
C GLU A 197 -5.20 22.55 12.46
N ALA A 198 -5.83 22.13 13.56
CA ALA A 198 -5.22 21.03 14.31
C ALA A 198 -5.07 19.77 13.49
N ALA A 199 -5.84 19.61 12.41
CA ALA A 199 -5.80 18.44 11.58
C ALA A 199 -4.82 18.52 10.39
N ILE A 200 -4.10 19.65 10.32
CA ILE A 200 -3.17 20.00 9.27
C ILE A 200 -1.79 20.01 9.87
N LYS A 201 -0.86 19.31 9.30
CA LYS A 201 0.52 19.34 9.76
C LYS A 201 1.29 20.28 8.88
N THR A 202 2.46 20.72 9.33
CA THR A 202 3.24 21.66 8.54
C THR A 202 4.67 21.07 8.40
N ALA A 203 5.16 20.93 7.19
CA ALA A 203 6.49 20.45 6.92
C ALA A 203 7.54 21.50 7.25
N ALA A 204 8.81 21.11 7.36
CA ALA A 204 9.86 22.09 7.63
C ALA A 204 9.94 23.12 6.53
N ASP A 205 9.61 22.76 5.29
CA ASP A 205 9.58 23.73 4.19
C ASP A 205 8.30 24.51 4.08
N GLY A 206 7.39 24.39 5.06
CA GLY A 206 6.19 25.12 5.09
C GLY A 206 4.98 24.50 4.43
N THR A 207 5.18 23.39 3.75
CA THR A 207 4.10 22.74 3.04
C THR A 207 3.09 22.18 4.03
N LYS A 208 1.81 22.43 3.78
CA LYS A 208 0.72 21.92 4.59
C LYS A 208 0.49 20.45 4.19
N LEU A 209 0.43 19.58 5.19
CA LEU A 209 0.38 18.12 5.03
C LEU A 209 -0.75 17.49 5.74
N SER A 210 -1.27 16.40 5.19
CA SER A 210 -2.13 15.45 5.93
C SER A 210 -1.33 14.32 6.55
N PHE A 211 -0.20 13.93 5.93
CA PHE A 211 0.66 12.86 6.47
CA PHE A 211 0.63 12.85 6.48
C PHE A 211 2.08 13.18 6.17
N GLU A 212 2.89 13.06 7.19
CA GLU A 212 4.29 13.43 7.15
C GLU A 212 5.18 12.41 6.36
N TRP A 213 6.40 12.79 6.11
CA TRP A 213 7.36 12.00 5.35
C TRP A 213 7.52 10.64 5.98
N HIS A 214 7.66 9.67 5.09
CA HIS A 214 7.90 8.29 5.52
C HIS A 214 8.36 7.47 4.33
N GLU A 215 8.87 6.28 4.68
CA GLU A 215 9.01 5.16 3.77
C GLU A 215 7.91 4.14 4.06
N ASP A 216 7.40 3.48 3.06
CA ASP A 216 6.35 2.48 3.32
C ASP A 216 6.90 1.20 3.97
N VAL A 217 6.03 0.64 4.80
CA VAL A 217 6.21 -0.69 5.38
C VAL A 217 5.53 -1.68 4.50
N SER A 218 6.30 -2.22 3.54
CA SER A 218 5.83 -3.09 2.48
C SER A 218 7.00 -3.61 1.71
N LEU A 219 6.74 -4.61 0.89
CA LEU A 219 7.64 -4.99 -0.23
C LEU A 219 7.49 -3.99 -1.37
N ILE A 220 6.26 -3.89 -1.88
CA ILE A 220 5.81 -2.80 -2.78
C ILE A 220 4.46 -2.36 -2.30
N THR A 221 4.05 -1.18 -2.75
CA THR A 221 2.73 -0.57 -2.47
C THR A 221 2.05 -0.30 -3.83
N VAL A 222 0.79 -0.71 -3.91
CA VAL A 222 0.01 -0.72 -5.16
C VAL A 222 -1.24 0.11 -4.88
N LEU A 223 -1.23 1.38 -5.35
CA LEU A 223 -2.19 2.39 -4.88
C LEU A 223 -3.10 2.89 -5.96
N TYR A 224 -4.39 2.90 -5.65
CA TYR A 224 -5.39 3.60 -6.51
CA TYR A 224 -5.37 3.65 -6.46
C TYR A 224 -5.80 4.87 -5.72
N GLN A 225 -5.83 6.03 -6.33
CA GLN A 225 -6.28 7.31 -5.72
C GLN A 225 -7.17 8.03 -6.66
N SER A 226 -8.05 8.87 -6.07
CA SER A 226 -8.79 9.88 -6.84
C SER A 226 -7.88 10.74 -7.68
N ASN A 227 -8.44 11.45 -8.67
CA ASN A 227 -7.74 12.33 -9.58
CA ASN A 227 -7.66 12.30 -9.57
C ASN A 227 -7.59 13.73 -8.96
N VAL A 228 -6.98 13.85 -7.82
CA VAL A 228 -6.70 15.06 -7.08
C VAL A 228 -5.24 14.95 -6.67
N GLN A 229 -4.42 15.86 -7.15
CA GLN A 229 -2.96 15.80 -6.86
C GLN A 229 -2.70 16.01 -5.40
N ASN A 230 -1.80 15.19 -4.82
CA ASN A 230 -1.48 15.35 -3.40
C ASN A 230 -0.17 14.80 -2.95
N LEU A 231 0.35 13.78 -3.63
CA LEU A 231 1.58 13.14 -3.14
C LEU A 231 2.82 13.87 -3.63
N GLN A 232 3.82 13.83 -2.73
CA GLN A 232 5.17 14.36 -3.09
C GLN A 232 6.21 13.33 -2.71
N VAL A 233 7.24 13.25 -3.54
CA VAL A 233 8.40 12.36 -3.38
C VAL A 233 9.68 13.20 -3.18
N GLU A 234 10.49 12.83 -2.20
CA GLU A 234 11.80 13.47 -2.01
C GLU A 234 12.78 12.87 -3.03
N THR A 235 13.40 13.78 -3.76
CA THR A 235 14.49 13.41 -4.69
C THR A 235 15.69 14.30 -4.32
N ALA A 236 16.84 14.03 -4.95
CA ALA A 236 18.02 14.91 -4.76
C ALA A 236 17.69 16.38 -5.10
N ALA A 237 16.75 16.61 -6.02
CA ALA A 237 16.27 17.96 -6.33
C ALA A 237 15.20 18.53 -5.37
N GLY A 238 14.91 17.80 -4.29
CA GLY A 238 13.98 18.23 -3.23
C GLY A 238 12.67 17.46 -3.45
N TYR A 239 11.64 17.93 -2.78
CA TYR A 239 10.28 17.29 -2.90
C TYR A 239 9.68 17.73 -4.21
N GLN A 240 9.13 16.75 -4.94
CA GLN A 240 8.55 16.96 -6.23
C GLN A 240 7.12 16.38 -6.24
N ASP A 241 6.22 17.01 -6.93
CA ASP A 241 4.82 16.56 -7.03
C ASP A 241 4.65 15.38 -7.93
N ILE A 242 3.95 14.36 -7.41
CA ILE A 242 3.51 13.24 -8.20
C ILE A 242 2.14 13.50 -8.84
N GLU A 243 2.09 13.52 -10.14
CA GLU A 243 0.85 13.83 -10.80
C GLU A 243 -0.16 12.73 -10.48
N ALA A 244 -1.43 13.13 -10.42
CA ALA A 244 -2.53 12.21 -10.28
C ALA A 244 -2.83 11.51 -11.61
N ASP A 245 -3.38 10.31 -11.51
CA ASP A 245 -3.86 9.51 -12.62
C ASP A 245 -4.80 8.45 -12.00
N ASP A 246 -6.07 8.76 -12.01
CA ASP A 246 -7.07 7.80 -11.52
C ASP A 246 -7.52 6.73 -12.52
N THR A 247 -6.75 6.50 -13.59
CA THR A 247 -6.86 5.28 -14.32
C THR A 247 -5.81 4.23 -14.02
N GLY A 248 -4.65 4.63 -13.52
CA GLY A 248 -3.51 3.79 -13.27
C GLY A 248 -3.36 3.49 -11.80
N TYR A 249 -2.49 2.54 -11.50
CA TYR A 249 -2.06 2.26 -10.15
C TYR A 249 -0.69 2.88 -9.91
N LEU A 250 -0.52 3.61 -8.87
CA LEU A 250 0.79 4.17 -8.54
C LEU A 250 1.54 3.14 -7.70
N ILE A 251 2.74 2.80 -8.13
CA ILE A 251 3.54 1.72 -7.56
C ILE A 251 4.81 2.32 -6.99
N ASN A 252 5.23 1.84 -5.81
CA ASN A 252 6.57 2.17 -5.26
C ASN A 252 7.02 1.04 -4.40
N CYS A 253 8.29 0.99 -4.15
CA CYS A 253 8.91 0.06 -3.22
C CYS A 253 8.77 0.51 -1.81
N GLY A 254 8.68 -0.47 -0.89
CA GLY A 254 8.75 -0.28 0.54
C GLY A 254 10.11 -0.71 1.08
N SER A 255 10.29 -0.53 2.38
CA SER A 255 11.59 -0.72 2.96
C SER A 255 12.02 -2.17 2.99
N TYR A 256 11.16 -3.17 2.82
CA TYR A 256 11.67 -4.51 2.70
C TYR A 256 12.41 -4.70 1.38
N MET A 257 11.91 -4.07 0.31
CA MET A 257 12.63 -4.15 -0.97
C MET A 257 13.98 -3.49 -0.87
N ALA A 258 14.04 -2.35 -0.20
CA ALA A 258 15.31 -1.67 0.01
C ALA A 258 16.25 -2.55 0.78
N HIS A 259 15.77 -3.26 1.80
CA HIS A 259 16.66 -4.16 2.53
C HIS A 259 17.18 -5.27 1.62
N LEU A 260 16.30 -5.94 0.89
CA LEU A 260 16.65 -7.08 0.04
CA LEU A 260 16.77 -7.10 0.18
C LEU A 260 17.65 -6.74 -1.01
N THR A 261 17.57 -5.51 -1.52
CA THR A 261 18.37 -5.09 -2.67
C THR A 261 19.56 -4.18 -2.26
N ASN A 262 19.80 -4.07 -0.96
CA ASN A 262 20.86 -3.20 -0.43
C ASN A 262 20.75 -1.80 -0.94
N ASN A 263 19.54 -1.29 -0.89
CA ASN A 263 19.19 0.04 -1.27
C ASN A 263 19.43 0.29 -2.73
N TYR A 264 19.58 -0.73 -3.60
CA TYR A 264 19.61 -0.51 -5.06
C TYR A 264 18.24 0.02 -5.58
N TYR A 265 17.17 -0.60 -5.08
CA TYR A 265 15.80 -0.07 -5.16
C TYR A 265 15.45 0.49 -3.80
N LYS A 266 15.61 1.77 -3.69
CA LYS A 266 15.27 2.48 -2.49
C LYS A 266 13.82 2.51 -2.20
N ALA A 267 13.42 2.58 -0.96
CA ALA A 267 12.07 2.91 -0.59
C ALA A 267 11.92 4.43 -0.63
N PRO A 268 11.23 4.99 -1.60
CA PRO A 268 11.28 6.45 -1.68
C PRO A 268 10.56 7.08 -0.53
N ILE A 269 11.11 8.18 -0.04
CA ILE A 269 10.47 8.99 1.00
C ILE A 269 9.40 9.85 0.33
N HIS A 270 8.21 9.83 0.87
CA HIS A 270 7.10 10.58 0.34
C HIS A 270 6.23 11.07 1.44
N ARG A 271 5.33 11.97 1.07
CA ARG A 271 4.43 12.63 2.03
C ARG A 271 3.17 13.06 1.32
N VAL A 272 2.12 13.32 2.08
CA VAL A 272 0.78 13.58 1.55
C VAL A 272 0.43 15.05 1.84
N LYS A 273 0.33 15.88 0.83
CA LYS A 273 -0.09 17.26 0.99
C LYS A 273 -1.52 17.34 1.49
N TRP A 274 -1.78 18.34 2.33
CA TRP A 274 -3.13 18.69 2.68
C TRP A 274 -3.86 19.29 1.48
N VAL A 275 -4.99 18.73 1.17
CA VAL A 275 -5.88 19.27 0.14
C VAL A 275 -7.27 19.22 0.70
N ASN A 276 -8.01 20.31 0.60
CA ASN A 276 -9.39 20.34 1.11
C ASN A 276 -10.33 19.87 0.02
N ALA A 277 -10.44 18.56 -0.09
CA ALA A 277 -11.20 17.89 -1.10
C ALA A 277 -11.64 16.54 -0.58
N GLU A 278 -12.85 16.17 -0.91
CA GLU A 278 -13.40 14.86 -0.65
C GLU A 278 -12.79 13.89 -1.61
N ARG A 279 -11.93 12.98 -1.18
CA ARG A 279 -11.26 12.07 -2.06
C ARG A 279 -10.97 10.75 -1.35
N GLN A 280 -10.50 9.82 -2.16
CA GLN A 280 -10.12 8.46 -1.72
C GLN A 280 -8.76 8.15 -1.99
N SER A 281 -8.20 7.30 -1.13
CA SER A 281 -6.85 6.76 -1.29
C SER A 281 -6.92 5.28 -0.89
N LEU A 282 -6.64 4.34 -1.79
CA LEU A 282 -6.91 2.91 -1.59
CA LEU A 282 -6.90 2.90 -1.61
C LEU A 282 -5.62 2.11 -1.84
N PRO A 283 -4.70 2.13 -0.87
CA PRO A 283 -3.47 1.34 -1.03
C PRO A 283 -3.67 -0.14 -0.72
N PHE A 284 -2.90 -0.92 -1.47
CA PHE A 284 -2.67 -2.38 -1.17
C PHE A 284 -1.17 -2.46 -0.86
N PHE A 285 -0.92 -2.84 0.41
CA PHE A 285 0.46 -3.03 0.89
C PHE A 285 0.81 -4.45 0.66
N VAL A 286 1.72 -4.69 -0.29
CA VAL A 286 2.17 -6.03 -0.68
C VAL A 286 3.16 -6.54 0.38
N ASN A 287 2.68 -7.45 1.20
CA ASN A 287 3.49 -8.11 2.28
C ASN A 287 3.57 -9.59 1.91
N LEU A 288 4.68 -10.23 2.37
CA LEU A 288 4.87 -11.67 2.17
C LEU A 288 4.23 -12.41 3.32
N GLY A 289 4.63 -13.67 3.49
CA GLY A 289 4.19 -14.43 4.67
C GLY A 289 4.99 -14.22 5.88
N TYR A 290 4.48 -14.63 7.01
CA TYR A 290 5.15 -14.38 8.31
C TYR A 290 6.59 -14.93 8.39
N ASP A 291 6.80 -16.09 7.82
CA ASP A 291 8.12 -16.74 7.86
C ASP A 291 8.91 -16.59 6.62
N SER A 292 8.43 -15.80 5.65
CA SER A 292 9.15 -15.60 4.43
C SER A 292 10.46 -14.86 4.70
N VAL A 293 11.56 -15.41 4.18
CA VAL A 293 12.85 -14.77 4.28
C VAL A 293 13.48 -14.91 2.91
N ILE A 294 13.89 -13.78 2.41
CA ILE A 294 14.70 -13.78 1.19
C ILE A 294 16.10 -13.28 1.54
N ASP A 295 17.13 -14.01 1.12
CA ASP A 295 18.48 -13.56 1.44
C ASP A 295 18.81 -12.29 0.71
N PRO A 296 19.31 -11.32 1.45
CA PRO A 296 19.64 -10.03 0.80
C PRO A 296 20.74 -10.16 -0.21
N PHE A 297 20.75 -9.30 -1.21
CA PHE A 297 21.68 -9.34 -2.30
C PHE A 297 21.92 -7.91 -2.79
N ASP A 298 22.85 -7.75 -3.71
CA ASP A 298 23.23 -6.42 -4.21
C ASP A 298 23.49 -6.54 -5.72
N PRO A 299 22.58 -6.05 -6.57
CA PRO A 299 22.74 -6.10 -8.06
C PRO A 299 23.77 -5.11 -8.62
N ARG A 300 24.39 -4.29 -7.76
CA ARG A 300 25.58 -3.51 -8.18
C ARG A 300 26.89 -4.21 -7.94
N GLU A 301 26.92 -5.32 -7.21
CA GLU A 301 28.22 -5.97 -6.91
C GLU A 301 28.39 -7.20 -7.77
N PRO A 302 29.60 -7.45 -8.28
CA PRO A 302 29.77 -8.60 -9.14
C PRO A 302 29.31 -9.97 -8.59
N ASN A 303 29.58 -10.24 -7.32
CA ASN A 303 29.20 -11.54 -6.71
C ASN A 303 27.78 -11.48 -6.12
N GLY A 304 27.12 -10.32 -6.23
CA GLY A 304 25.79 -10.12 -5.71
C GLY A 304 25.69 -10.14 -4.20
N LYS A 305 26.80 -10.16 -3.47
CA LYS A 305 26.76 -10.33 -1.99
C LYS A 305 26.47 -8.99 -1.29
N SER A 306 25.77 -9.09 -0.18
CA SER A 306 25.37 -7.94 0.59
C SER A 306 25.81 -8.14 2.02
N ASP A 307 26.15 -7.06 2.75
CA ASP A 307 26.47 -7.16 4.16
C ASP A 307 25.30 -6.90 5.09
N ARG A 308 24.11 -7.19 4.58
CA ARG A 308 22.87 -7.13 5.35
C ARG A 308 22.52 -8.57 5.82
N GLU A 309 21.91 -8.67 6.98
CA GLU A 309 21.45 -9.96 7.50
C GLU A 309 20.02 -10.25 7.10
N PRO A 310 19.72 -11.52 6.84
CA PRO A 310 18.37 -11.92 6.53
C PRO A 310 17.38 -11.55 7.62
N LEU A 311 16.20 -11.15 7.18
CA LEU A 311 15.20 -10.64 8.08
C LEU A 311 13.89 -11.26 7.65
N SER A 312 13.20 -12.00 8.52
CA SER A 312 11.91 -12.58 8.18
C SER A 312 10.88 -11.46 7.99
N TYR A 313 9.94 -11.72 7.11
CA TYR A 313 8.94 -10.68 6.82
C TYR A 313 8.08 -10.39 8.03
N GLY A 314 7.74 -11.38 8.82
CA GLY A 314 7.00 -11.16 10.03
C GLY A 314 7.69 -10.26 11.01
N ASP A 315 9.01 -10.44 11.21
CA ASP A 315 9.80 -9.58 12.07
C ASP A 315 9.77 -8.14 11.50
N TYR A 316 10.05 -8.01 10.23
CA TYR A 316 10.00 -6.72 9.56
C TYR A 316 8.69 -6.00 9.79
N LEU A 317 7.60 -6.72 9.55
CA LEU A 317 6.28 -6.10 9.57
C LEU A 317 5.87 -5.73 10.95
N GLN A 318 6.06 -6.60 11.93
CA GLN A 318 5.72 -6.22 13.32
C GLN A 318 6.47 -4.99 13.75
N ASN A 319 7.78 -4.98 13.50
CA ASN A 319 8.59 -3.87 13.94
C ASN A 319 8.20 -2.60 13.16
N GLY A 320 7.90 -2.73 11.87
CA GLY A 320 7.58 -1.57 11.08
C GLY A 320 6.27 -0.88 11.38
N LEU A 321 5.26 -1.65 11.67
CA LEU A 321 3.91 -1.09 11.86
C LEU A 321 3.90 -0.26 13.15
N VAL A 322 4.54 -0.77 14.19
CA VAL A 322 4.77 -0.01 15.41
C VAL A 322 5.54 1.31 15.20
N SER A 323 6.66 1.23 14.49
CA SER A 323 7.57 2.39 14.32
C SER A 323 6.95 3.53 13.53
N LEU A 324 6.16 3.15 12.53
CA LEU A 324 5.45 4.12 11.73
C LEU A 324 4.39 4.86 12.57
N ILE A 325 3.72 4.09 13.45
CA ILE A 325 2.79 4.66 14.45
C ILE A 325 3.58 5.65 15.33
N ASN A 326 4.76 5.25 15.81
CA ASN A 326 5.55 6.15 16.67
C ASN A 326 5.97 7.43 15.95
N LYS A 327 6.38 7.33 14.68
CA LYS A 327 6.93 8.49 13.93
C LYS A 327 5.84 9.50 13.55
FE FE B . 3.18 5.77 1.96
C8 HCV C . -0.15 2.76 6.95
C8 HCV C . 0.45 3.38 5.85
O1 HCV C . 0.92 2.15 7.04
O1 HCV C . 1.51 3.30 5.20
O2 HCV C . -1.33 -3.14 6.97
O2 HCV C . -0.78 -3.04 6.87
C9 HCV C . -1.34 2.37 7.80
C9 HCV C . 0.16 2.47 7.02
C13 HCV C . -1.58 -2.49 7.94
C13 HCV C . -1.39 -2.42 7.76
C12 HCV C . -2.37 -1.17 7.82
C12 HCV C . -1.69 -0.95 7.28
C11 HCV C . -1.27 -0.20 7.49
C11 HCV C . -0.45 -0.10 7.00
C10 HCV C . -2.05 1.13 7.26
C10 HCV C . -0.90 1.38 6.76
N2 HCV C . -3.03 -0.62 9.00
N2 HCV C . -2.74 -0.31 8.05
O3 HCV C . -1.16 -2.80 9.11
O3 HCV C . -1.84 -2.92 8.99
N1 HCV C . -0.36 3.75 6.07
N1 HCV C . -0.48 4.31 5.58
C5 HCV C . 0.66 4.72 5.68
C5 HCV C . -0.14 5.62 5.04
C6 HCV C . 1.94 4.53 6.46
C6 HCV C . 1.07 6.23 5.77
C7 HCV C . 1.61 4.94 7.92
C7 HCV C . 0.73 7.31 6.84
S HCV C . -0.11 5.42 8.17
S HCV C . 2.11 8.15 7.65
C4 HCV C . 0.79 4.75 4.15
C4 HCV C . 0.05 5.56 3.53
O HCV C . 1.88 4.56 3.54
O HCV C . 1.18 5.32 3.03
N HCV C . -0.35 5.16 3.57
N HCV C . -1.05 5.81 2.78
C3 HCV C . -0.56 6.60 3.59
C3 HCV C . -1.02 7.00 1.96
C1 HCV C . 0.83 7.27 3.52
C1 HCV C . 0.30 7.64 2.36
C HCV C . 0.80 8.66 4.18
C HCV C . 0.36 8.49 3.58
C2 HCV C . 1.42 7.33 2.07
C2 HCV C . 1.60 7.46 1.55
C14 HCV C . -1.37 7.04 4.79
C14 HCV C . -2.19 7.97 2.15
O5 HCV C . -1.80 8.20 4.78
O5 HCV C . -2.86 8.34 1.21
O4 HCV C . -1.61 6.18 5.78
O4 HCV C . -2.34 8.45 3.34
#